data_7B32
#
_entry.id   7B32
#
_cell.length_a   100.042
_cell.length_b   59.212
_cell.length_c   61.554
_cell.angle_alpha   90.000
_cell.angle_beta   93.947
_cell.angle_gamma   90.000
#
_symmetry.space_group_name_H-M   'C 1 2 1'
#
loop_
_entity.id
_entity.type
_entity.pdbx_description
1 polymer 'Serine/threonine-protein kinase 24'
2 non-polymer 8-[(5-azanyl-1,3-dioxan-2-yl)methyl]-6-[2-chloranyl-4-(6-methylpyridin-2-yl)phenyl]-2-[(2-methoxyphenyl)amino]pyrido[2,3-d]pyrimidin-7-one
3 water water
#
_entity_poly.entity_id   1
_entity_poly.type   'polypeptide(L)'
_entity_poly.pdbx_seq_one_letter_code
;MRAQLWGLALNKRRATLPHPGGSTNLKADPEELFTKLEKIGKGSFGEVFKGIDNRTQKVVAIKIIDLEEAEDEIEDIQQE
ITVLSQCDSPYVTKYYGSYLKDTKLWIIMEYLGGGSALDLLEPGPLDETQIATILREILKGLDYLHSEKKIHRDIKAANV
LLSEHGEVKLADFGVAGQLTDTQIKRNTFVGTPFWMAPEVIKQSAYDSKADIWSLGITAIELARGEPPHSELHPMKVLFL
IPKNNPPTLEGNYSKPLKEFVEACLNKEPSFRPTAKELLKHKFILRNAKKTSYLTELIDAHHHHHH
;
_entity_poly.pdbx_strand_id   A
#
loop_
_chem_comp.id
_chem_comp.type
_chem_comp.name
_chem_comp.formula
SQQ non-polymer 8-[(5-azanyl-1,3-dioxan-2-yl)methyl]-6-[2-chloranyl-4-(6-methylpyridin-2-yl)phenyl]-2-[(2-methoxyphenyl)amino]pyrido[2,3-d]pyrimidin-7-one 'C31 H29 Cl N6 O4'
#
# COMPACT_ATOMS: atom_id res chain seq x y z
N THR A 24 -9.97 5.45 21.37
CA THR A 24 -8.90 4.71 22.04
C THR A 24 -9.34 4.26 23.43
N ASN A 25 -9.23 2.95 23.68
CA ASN A 25 -9.63 2.36 24.95
C ASN A 25 -8.55 2.60 26.01
N LEU A 26 -8.91 3.32 27.06
CA LEU A 26 -7.96 3.65 28.13
C LEU A 26 -8.18 2.83 29.40
N LYS A 27 -9.12 1.89 29.39
CA LYS A 27 -9.42 1.07 30.57
C LYS A 27 -8.86 -0.34 30.47
N ALA A 28 -9.09 -1.01 29.34
CA ALA A 28 -8.70 -2.41 29.19
C ALA A 28 -7.19 -2.56 29.03
N ASP A 29 -6.68 -3.72 29.43
CA ASP A 29 -5.27 -4.03 29.35
C ASP A 29 -5.01 -4.81 28.07
N PRO A 30 -4.37 -4.23 27.06
CA PRO A 30 -4.16 -4.97 25.81
C PRO A 30 -3.28 -6.20 25.99
N GLU A 31 -2.46 -6.24 27.04
CA GLU A 31 -1.63 -7.42 27.28
C GLU A 31 -2.45 -8.59 27.81
N GLU A 32 -3.63 -8.33 28.37
CA GLU A 32 -4.56 -9.41 28.70
C GLU A 32 -5.40 -9.80 27.50
N LEU A 33 -5.72 -8.86 26.62
CA LEU A 33 -6.62 -9.12 25.50
C LEU A 33 -5.92 -9.81 24.33
N PHE A 34 -4.60 -9.63 24.19
CA PHE A 34 -3.87 -10.10 23.02
C PHE A 34 -2.59 -10.80 23.46
N THR A 35 -2.22 -11.84 22.71
CA THR A 35 -0.92 -12.49 22.86
C THR A 35 -0.01 -11.98 21.75
N LYS A 36 1.11 -11.37 22.12
CA LYS A 36 2.02 -10.79 21.14
C LYS A 36 3.02 -11.85 20.68
N LEU A 37 3.13 -12.03 19.38
CA LEU A 37 4.04 -13.02 18.83
C LEU A 37 5.16 -12.33 18.06
N GLU A 38 5.61 -12.92 16.95
CA GLU A 38 6.82 -12.44 16.30
C GLU A 38 6.57 -11.16 15.51
N LYS A 39 7.64 -10.38 15.36
CA LYS A 39 7.59 -9.16 14.56
C LYS A 39 7.35 -9.50 13.09
N ILE A 40 6.53 -8.68 12.42
CA ILE A 40 6.24 -8.86 11.00
C ILE A 40 6.45 -7.54 10.29
N GLY A 41 6.85 -7.61 9.02
CA GLY A 41 6.97 -6.38 8.26
C GLY A 41 7.95 -5.39 8.88
N LYS A 42 7.61 -4.10 8.79
CA LYS A 42 8.46 -3.04 9.35
C LYS A 42 7.57 -1.81 9.53
N GLY A 43 6.94 -1.70 10.68
CA GLY A 43 5.93 -0.69 10.87
C GLY A 43 6.50 0.72 10.97
N SER A 44 5.69 1.69 10.57
CA SER A 44 5.98 3.09 10.81
C SER A 44 5.67 3.46 12.26
N PHE A 45 6.53 4.28 12.87
CA PHE A 45 6.36 4.79 14.23
C PHE A 45 6.56 3.74 15.31
N GLY A 46 6.41 2.46 14.99
CA GLY A 46 6.58 1.42 15.98
C GLY A 46 6.66 0.07 15.31
N GLU A 47 7.19 -0.89 16.04
CA GLU A 47 7.28 -2.24 15.49
C GLU A 47 5.90 -2.89 15.47
N VAL A 48 5.72 -3.79 14.51
CA VAL A 48 4.44 -4.47 14.32
C VAL A 48 4.66 -5.96 14.54
N PHE A 49 3.72 -6.59 15.24
CA PHE A 49 3.81 -8.00 15.60
C PHE A 49 2.58 -8.74 15.14
N LYS A 50 2.79 -9.98 14.71
CA LYS A 50 1.69 -10.93 14.67
C LYS A 50 1.19 -11.13 16.09
N GLY A 51 -0.13 -11.18 16.25
CA GLY A 51 -0.71 -11.34 17.58
C GLY A 51 -1.96 -12.19 17.51
N ILE A 52 -2.39 -12.65 18.69
CA ILE A 52 -3.60 -13.46 18.81
C ILE A 52 -4.59 -12.73 19.70
N ASP A 53 -5.82 -12.61 19.21
CA ASP A 53 -6.93 -12.15 20.03
C ASP A 53 -7.26 -13.28 21.00
N ASN A 54 -7.04 -13.06 22.30
CA ASN A 54 -7.20 -14.16 23.23
C ASN A 54 -8.65 -14.63 23.38
N ARG A 55 -9.62 -13.82 22.97
CA ARG A 55 -11.02 -14.21 23.12
C ARG A 55 -11.52 -15.04 21.93
N THR A 56 -11.15 -14.63 20.72
CA THR A 56 -11.60 -15.34 19.52
C THR A 56 -10.56 -16.31 18.96
N GLN A 57 -9.29 -16.12 19.32
CA GLN A 57 -8.13 -16.84 18.78
C GLN A 57 -7.83 -16.47 17.34
N LYS A 58 -8.44 -15.40 16.83
CA LYS A 58 -8.07 -14.91 15.50
C LYS A 58 -6.70 -14.22 15.57
N VAL A 59 -5.96 -14.33 14.48
CA VAL A 59 -4.70 -13.63 14.33
C VAL A 59 -4.98 -12.19 13.96
N VAL A 60 -4.22 -11.26 14.56
CA VAL A 60 -4.28 -9.84 14.28
C VAL A 60 -2.86 -9.33 14.07
N ALA A 61 -2.76 -8.11 13.55
CA ALA A 61 -1.50 -7.38 13.51
C ALA A 61 -1.53 -6.29 14.58
N ILE A 62 -0.43 -6.17 15.34
CA ILE A 62 -0.37 -5.29 16.50
C ILE A 62 0.81 -4.35 16.34
N LYS A 63 0.54 -3.05 16.24
CA LYS A 63 1.59 -2.05 16.25
C LYS A 63 1.68 -1.47 17.66
N ILE A 64 2.89 -1.37 18.20
CA ILE A 64 3.12 -0.79 19.51
C ILE A 64 4.00 0.43 19.33
N ILE A 65 3.49 1.59 19.74
CA ILE A 65 4.19 2.86 19.59
C ILE A 65 4.46 3.40 20.98
N ASP A 66 5.72 3.72 21.25
CA ASP A 66 6.08 4.38 22.51
C ASP A 66 5.81 5.87 22.35
N LEU A 67 4.80 6.37 23.06
CA LEU A 67 4.37 7.76 22.88
C LEU A 67 5.30 8.76 23.55
N GLU A 68 6.22 8.30 24.40
CA GLU A 68 7.26 9.20 24.88
C GLU A 68 8.32 9.43 23.82
N GLU A 69 8.75 8.36 23.13
CA GLU A 69 9.78 8.47 22.11
C GLU A 69 9.25 9.02 20.79
N ALA A 70 7.96 8.87 20.52
CA ALA A 70 7.40 9.35 19.26
C ALA A 70 6.47 10.53 19.49
N GLU A 71 6.91 11.49 20.29
CA GLU A 71 6.04 12.58 20.72
C GLU A 71 5.67 13.51 19.57
N ASP A 72 6.66 13.90 18.75
CA ASP A 72 6.40 14.87 17.69
C ASP A 72 5.46 14.33 16.60
N GLU A 73 5.24 13.02 16.56
CA GLU A 73 4.43 12.41 15.50
C GLU A 73 3.04 12.01 15.98
N ILE A 74 2.61 12.43 17.17
CA ILE A 74 1.37 11.90 17.71
C ILE A 74 0.17 12.35 16.87
N GLU A 75 0.20 13.59 16.37
CA GLU A 75 -0.90 14.08 15.55
C GLU A 75 -1.03 13.28 14.25
N ASP A 76 0.10 12.92 13.64
CA ASP A 76 0.06 12.07 12.45
C ASP A 76 -0.50 10.69 12.76
N ILE A 77 -0.17 10.14 13.93
CA ILE A 77 -0.70 8.84 14.34
C ILE A 77 -2.22 8.93 14.50
N GLN A 78 -2.68 9.97 15.19
CA GLN A 78 -4.11 10.15 15.39
C GLN A 78 -4.84 10.29 14.06
N GLN A 79 -4.27 11.07 13.13
CA GLN A 79 -4.91 11.28 11.84
C GLN A 79 -5.05 9.97 11.07
N GLU A 80 -4.05 9.08 11.17
CA GLU A 80 -4.15 7.81 10.46
C GLU A 80 -5.19 6.89 11.11
N ILE A 81 -5.29 6.91 12.43
CA ILE A 81 -6.33 6.14 13.11
C ILE A 81 -7.72 6.60 12.65
N THR A 82 -7.92 7.92 12.58
CA THR A 82 -9.22 8.46 12.18
C THR A 82 -9.58 7.99 10.77
N VAL A 83 -8.65 8.08 9.84
CA VAL A 83 -8.95 7.72 8.46
C VAL A 83 -9.28 6.23 8.35
N LEU A 84 -8.45 5.38 8.97
CA LEU A 84 -8.69 3.95 8.91
C LEU A 84 -10.02 3.59 9.55
N SER A 85 -10.37 4.26 10.66
CA SER A 85 -11.63 3.98 11.33
C SER A 85 -12.84 4.37 10.49
N GLN A 86 -12.67 5.25 9.51
CA GLN A 86 -13.75 5.66 8.62
C GLN A 86 -13.87 4.79 7.38
N CYS A 87 -12.95 3.86 7.18
CA CYS A 87 -12.94 2.98 6.01
C CYS A 87 -13.63 1.67 6.33
N ASP A 88 -14.48 1.22 5.43
CA ASP A 88 -15.12 -0.10 5.57
C ASP A 88 -15.18 -0.68 4.16
N SER A 89 -14.11 -1.37 3.78
CA SER A 89 -13.95 -1.91 2.44
C SER A 89 -13.15 -3.20 2.47
N PRO A 90 -13.50 -4.18 1.65
CA PRO A 90 -12.62 -5.36 1.48
C PRO A 90 -11.24 -5.02 1.00
N TYR A 91 -11.02 -3.82 0.45
CA TYR A 91 -9.75 -3.47 -0.15
C TYR A 91 -8.90 -2.56 0.72
N VAL A 92 -9.33 -2.31 1.96
CA VAL A 92 -8.56 -1.49 2.90
C VAL A 92 -8.40 -2.29 4.20
N THR A 93 -7.15 -2.43 4.65
CA THR A 93 -6.88 -3.14 5.90
C THR A 93 -7.78 -2.64 7.02
N LYS A 94 -8.45 -3.57 7.70
CA LYS A 94 -9.44 -3.21 8.71
C LYS A 94 -8.76 -2.76 9.99
N TYR A 95 -9.37 -1.76 10.64
CA TYR A 95 -8.92 -1.24 11.93
C TYR A 95 -9.83 -1.78 13.03
N TYR A 96 -9.23 -2.42 14.05
CA TYR A 96 -10.00 -3.05 15.12
C TYR A 96 -10.01 -2.27 16.42
N GLY A 97 -9.15 -1.27 16.58
CA GLY A 97 -9.15 -0.48 17.79
C GLY A 97 -7.77 -0.20 18.32
N SER A 98 -7.67 0.59 19.40
CA SER A 98 -6.39 0.93 19.98
C SER A 98 -6.54 1.02 21.49
N TYR A 99 -5.41 0.85 22.18
CA TYR A 99 -5.37 0.78 23.63
C TYR A 99 -4.12 1.50 24.11
N LEU A 100 -4.24 2.13 25.28
CA LEU A 100 -3.11 2.83 25.89
C LEU A 100 -2.74 2.11 27.18
N LYS A 101 -1.50 1.61 27.25
CA LYS A 101 -0.97 0.94 28.42
C LYS A 101 0.35 1.59 28.80
N ASP A 102 0.39 2.21 29.98
CA ASP A 102 1.49 3.09 30.37
C ASP A 102 1.75 4.07 29.24
N THR A 103 2.98 4.11 28.73
CA THR A 103 3.32 5.03 27.65
C THR A 103 3.13 4.43 26.25
N LYS A 104 2.63 3.20 26.15
CA LYS A 104 2.60 2.49 24.88
C LYS A 104 1.19 2.47 24.30
N LEU A 105 1.08 2.89 23.05
CA LEU A 105 -0.16 2.79 22.28
C LEU A 105 -0.14 1.48 21.49
N TRP A 106 -1.12 0.61 21.73
CA TRP A 106 -1.33 -0.60 20.93
C TRP A 106 -2.39 -0.33 19.88
N ILE A 107 -2.07 -0.57 18.61
CA ILE A 107 -3.03 -0.44 17.52
C ILE A 107 -3.25 -1.83 16.93
N ILE A 108 -4.52 -2.25 16.85
CA ILE A 108 -4.88 -3.60 16.42
C ILE A 108 -5.50 -3.50 15.02
N MET A 109 -4.91 -4.23 14.07
CA MET A 109 -5.35 -4.21 12.68
C MET A 109 -5.53 -5.63 12.16
N GLU A 110 -6.19 -5.71 11.01
CA GLU A 110 -6.32 -6.95 10.25
C GLU A 110 -4.95 -7.53 9.91
N TYR A 111 -4.79 -8.83 10.13
CA TYR A 111 -3.55 -9.55 9.80
C TYR A 111 -3.63 -10.06 8.37
N LEU A 112 -2.63 -9.73 7.56
CA LEU A 112 -2.59 -10.17 6.17
C LEU A 112 -1.33 -11.01 5.99
N GLY A 113 -1.49 -12.35 6.06
CA GLY A 113 -0.39 -13.28 6.17
C GLY A 113 0.43 -13.51 4.92
N GLY A 114 0.00 -12.94 3.79
CA GLY A 114 0.76 -13.05 2.57
C GLY A 114 1.90 -12.05 2.44
N GLY A 115 1.96 -11.06 3.33
CA GLY A 115 3.01 -10.07 3.24
C GLY A 115 2.68 -9.01 2.20
N SER A 116 3.69 -8.21 1.86
CA SER A 116 3.46 -7.12 0.91
C SER A 116 3.76 -7.56 -0.51
N ALA A 117 3.16 -6.84 -1.47
CA ALA A 117 3.45 -7.08 -2.88
C ALA A 117 4.94 -6.93 -3.17
N LEU A 118 5.62 -6.00 -2.48
CA LEU A 118 7.05 -5.84 -2.66
C LEU A 118 7.81 -7.09 -2.24
N ASP A 119 7.43 -7.69 -1.11
CA ASP A 119 8.05 -8.95 -0.69
C ASP A 119 7.89 -10.02 -1.75
N LEU A 120 6.75 -10.04 -2.42
CA LEU A 120 6.46 -11.10 -3.37
C LEU A 120 7.23 -10.95 -4.68
N LEU A 121 7.89 -9.82 -4.91
CA LEU A 121 8.81 -9.70 -6.03
C LEU A 121 10.13 -10.44 -5.81
N GLU A 122 10.45 -10.82 -4.58
CA GLU A 122 11.80 -11.31 -4.27
C GLU A 122 12.21 -12.54 -5.09
N PRO A 123 11.40 -13.59 -5.24
CA PRO A 123 11.89 -14.79 -5.95
C PRO A 123 12.18 -14.57 -7.43
N GLY A 124 11.60 -13.57 -8.08
CA GLY A 124 11.74 -13.43 -9.50
C GLY A 124 10.62 -12.57 -10.04
N PRO A 125 10.65 -12.27 -11.33
CA PRO A 125 9.71 -11.29 -11.89
C PRO A 125 8.29 -11.85 -11.90
N LEU A 126 7.32 -10.94 -11.71
CA LEU A 126 5.93 -11.29 -11.90
C LEU A 126 5.63 -11.46 -13.39
N ASP A 127 4.58 -12.24 -13.68
CA ASP A 127 4.07 -12.22 -15.05
C ASP A 127 2.95 -11.20 -15.15
N GLU A 128 2.51 -10.92 -16.39
CA GLU A 128 1.57 -9.82 -16.57
C GLU A 128 0.19 -10.16 -16.04
N THR A 129 -0.17 -11.44 -15.90
CA THR A 129 -1.41 -11.77 -15.21
C THR A 129 -1.34 -11.36 -13.74
N GLN A 130 -0.22 -11.66 -13.08
CA GLN A 130 -0.07 -11.28 -11.69
C GLN A 130 -0.06 -9.77 -11.53
N ILE A 131 0.65 -9.07 -12.44
CA ILE A 131 0.70 -7.61 -12.39
C ILE A 131 -0.70 -7.03 -12.54
N ALA A 132 -1.43 -7.50 -13.56
CA ALA A 132 -2.77 -6.96 -13.82
C ALA A 132 -3.71 -7.27 -12.67
N THR A 133 -3.60 -8.45 -12.07
CA THR A 133 -4.48 -8.79 -10.96
C THR A 133 -4.22 -7.89 -9.75
N ILE A 134 -2.94 -7.68 -9.42
CA ILE A 134 -2.63 -6.82 -8.28
C ILE A 134 -3.06 -5.38 -8.57
N LEU A 135 -2.81 -4.89 -9.79
CA LEU A 135 -3.20 -3.52 -10.10
C LEU A 135 -4.72 -3.35 -10.05
N ARG A 136 -5.46 -4.36 -10.52
CA ARG A 136 -6.91 -4.27 -10.48
C ARG A 136 -7.40 -4.13 -9.05
N GLU A 137 -6.85 -4.92 -8.14
CA GLU A 137 -7.31 -4.86 -6.76
C GLU A 137 -6.91 -3.55 -6.11
N ILE A 138 -5.71 -3.03 -6.44
CA ILE A 138 -5.34 -1.71 -5.94
C ILE A 138 -6.34 -0.69 -6.43
N LEU A 139 -6.69 -0.79 -7.71
CA LEU A 139 -7.67 0.13 -8.29
C LEU A 139 -9.03 0.04 -7.59
N LYS A 140 -9.44 -1.16 -7.18
CA LYS A 140 -10.69 -1.29 -6.43
C LYS A 140 -10.60 -0.54 -5.11
N GLY A 141 -9.46 -0.62 -4.43
CA GLY A 141 -9.26 0.17 -3.23
C GLY A 141 -9.25 1.67 -3.49
N LEU A 142 -8.59 2.10 -4.56
CA LEU A 142 -8.57 3.55 -4.86
C LEU A 142 -9.96 4.04 -5.25
N ASP A 143 -10.71 3.23 -6.01
CA ASP A 143 -12.09 3.59 -6.34
C ASP A 143 -12.91 3.79 -5.06
N TYR A 144 -12.74 2.91 -4.09
CA TYR A 144 -13.44 3.07 -2.82
C TYR A 144 -13.02 4.39 -2.14
N LEU A 145 -11.71 4.58 -1.96
CA LEU A 145 -11.23 5.76 -1.25
C LEU A 145 -11.65 7.05 -1.94
N HIS A 146 -11.44 7.13 -3.25
CA HIS A 146 -11.76 8.34 -3.98
C HIS A 146 -13.26 8.62 -3.95
N SER A 147 -14.08 7.57 -4.00
CA SER A 147 -15.53 7.76 -3.88
C SER A 147 -15.92 8.30 -2.51
N GLU A 148 -15.11 8.00 -1.49
CA GLU A 148 -15.29 8.48 -0.13
C GLU A 148 -14.59 9.82 0.11
N LYS A 149 -14.08 10.45 -0.96
CA LYS A 149 -13.38 11.74 -0.88
C LYS A 149 -12.12 11.63 -0.03
N LYS A 150 -11.44 10.48 -0.12
CA LYS A 150 -10.18 10.24 0.56
C LYS A 150 -9.08 10.06 -0.47
N ILE A 151 -7.83 10.27 -0.04
CA ILE A 151 -6.65 10.06 -0.87
C ILE A 151 -5.69 9.17 -0.09
N HIS A 152 -5.16 8.13 -0.73
CA HIS A 152 -4.27 7.22 0.01
C HIS A 152 -2.96 7.92 0.34
N ARG A 153 -2.32 8.52 -0.66
CA ARG A 153 -1.15 9.38 -0.58
C ARG A 153 0.17 8.61 -0.52
N ASP A 154 0.17 7.28 -0.37
CA ASP A 154 1.43 6.52 -0.42
C ASP A 154 1.25 5.17 -1.11
N ILE A 155 0.74 5.19 -2.34
CA ILE A 155 0.61 3.95 -3.09
C ILE A 155 1.99 3.52 -3.57
N LYS A 156 2.39 2.30 -3.21
CA LYS A 156 3.64 1.66 -3.59
C LYS A 156 3.51 0.19 -3.23
N ALA A 157 4.39 -0.65 -3.80
CA ALA A 157 4.22 -2.09 -3.59
C ALA A 157 4.38 -2.47 -2.12
N ALA A 158 5.21 -1.75 -1.37
CA ALA A 158 5.41 -2.07 0.05
C ALA A 158 4.16 -1.82 0.89
N ASN A 159 3.21 -1.02 0.40
CA ASN A 159 2.01 -0.67 1.14
C ASN A 159 0.78 -1.40 0.63
N VAL A 160 0.98 -2.46 -0.16
CA VAL A 160 -0.08 -3.31 -0.67
C VAL A 160 0.13 -4.67 -0.02
N LEU A 161 -0.82 -5.11 0.80
CA LEU A 161 -0.70 -6.33 1.57
C LEU A 161 -1.64 -7.39 1.01
N LEU A 162 -1.23 -8.66 1.14
CA LEU A 162 -2.02 -9.78 0.65
C LEU A 162 -2.38 -10.70 1.80
N SER A 163 -3.62 -11.18 1.79
CA SER A 163 -4.02 -12.20 2.75
C SER A 163 -3.45 -13.56 2.32
N GLU A 164 -3.54 -14.54 3.22
CA GLU A 164 -3.13 -15.88 2.84
C GLU A 164 -3.97 -16.47 1.72
N HIS A 165 -5.13 -15.89 1.41
CA HIS A 165 -5.96 -16.37 0.31
C HIS A 165 -5.73 -15.61 -0.99
N GLY A 166 -4.83 -14.63 -1.00
CA GLY A 166 -4.58 -13.84 -2.20
C GLY A 166 -5.35 -12.55 -2.28
N GLU A 167 -6.15 -12.22 -1.27
CA GLU A 167 -6.85 -10.94 -1.26
C GLU A 167 -5.84 -9.80 -1.13
N VAL A 168 -6.09 -8.71 -1.84
CA VAL A 168 -5.14 -7.59 -1.95
C VAL A 168 -5.74 -6.36 -1.31
N LYS A 169 -5.00 -5.74 -0.37
CA LYS A 169 -5.54 -4.62 0.41
C LYS A 169 -4.51 -3.51 0.57
N LEU A 170 -5.00 -2.27 0.73
CA LEU A 170 -4.14 -1.12 0.94
C LEU A 170 -3.84 -0.94 2.42
N ALA A 171 -2.60 -0.51 2.72
CA ALA A 171 -2.17 -0.21 4.07
C ALA A 171 -1.30 1.04 4.07
N ASP A 172 -0.94 1.50 5.27
CA ASP A 172 0.05 2.58 5.45
C ASP A 172 -0.28 3.82 4.61
N PHE A 173 -1.42 4.42 4.92
CA PHE A 173 -1.79 5.67 4.26
C PHE A 173 -0.72 6.73 4.51
N GLY A 174 -0.49 7.58 3.51
CA GLY A 174 0.46 8.66 3.67
C GLY A 174 -0.07 9.78 4.55
N VAL A 175 0.87 10.54 5.12
CA VAL A 175 0.52 11.63 6.02
C VAL A 175 0.06 12.83 5.19
N ALA A 176 -1.04 13.45 5.60
CA ALA A 176 -1.60 14.57 4.86
C ALA A 176 -0.90 15.88 5.18
N THR A 192 10.58 9.66 1.34
CA THR A 192 11.19 9.12 0.13
C THR A 192 10.35 9.48 -1.10
N PRO A 193 11.00 9.99 -2.14
CA PRO A 193 10.26 10.67 -3.22
C PRO A 193 9.83 9.82 -4.40
N PHE A 194 10.24 8.56 -4.51
CA PHE A 194 10.22 7.88 -5.81
C PHE A 194 8.82 7.69 -6.36
N TRP A 195 7.80 7.59 -5.50
CA TRP A 195 6.44 7.34 -5.96
C TRP A 195 5.57 8.60 -6.01
N MET A 196 6.14 9.76 -5.66
CA MET A 196 5.37 10.99 -5.53
C MET A 196 5.09 11.64 -6.87
N ALA A 197 3.86 12.12 -7.04
CA ALA A 197 3.50 12.88 -8.22
C ALA A 197 4.24 14.21 -8.25
N PRO A 198 4.55 14.73 -9.44
CA PRO A 198 5.27 16.02 -9.48
C PRO A 198 4.56 17.15 -8.76
N GLU A 199 3.23 17.22 -8.83
CA GLU A 199 2.53 18.32 -8.16
C GLU A 199 2.58 18.17 -6.64
N VAL A 200 2.75 16.96 -6.13
CA VAL A 200 2.92 16.77 -4.69
C VAL A 200 4.27 17.32 -4.24
N ILE A 201 5.32 17.03 -5.00
CA ILE A 201 6.66 17.55 -4.69
C ILE A 201 6.67 19.07 -4.78
N LYS A 202 6.02 19.64 -5.80
CA LYS A 202 6.00 21.08 -5.97
C LYS A 202 4.88 21.75 -5.17
N GLN A 203 4.09 20.97 -4.42
CA GLN A 203 2.81 21.39 -3.81
C GLN A 203 2.12 22.52 -4.55
N TYR A 206 -3.13 19.38 -4.47
CA TYR A 206 -3.31 18.21 -5.32
C TYR A 206 -4.58 17.45 -4.92
N ASP A 207 -4.96 16.43 -5.69
CA ASP A 207 -6.18 15.69 -5.42
C ASP A 207 -5.92 14.19 -5.61
N SER A 208 -7.01 13.43 -5.81
CA SER A 208 -6.92 11.98 -5.99
C SER A 208 -6.06 11.57 -7.17
N LYS A 209 -5.84 12.46 -8.14
CA LYS A 209 -5.04 12.08 -9.29
C LYS A 209 -3.58 11.83 -8.90
N ALA A 210 -3.14 12.36 -7.75
CA ALA A 210 -1.81 12.04 -7.26
C ALA A 210 -1.67 10.54 -6.99
N ASP A 211 -2.75 9.92 -6.48
CA ASP A 211 -2.76 8.47 -6.29
C ASP A 211 -2.62 7.74 -7.62
N ILE A 212 -3.20 8.30 -8.70
CA ILE A 212 -3.11 7.64 -10.00
C ILE A 212 -1.68 7.68 -10.52
N TRP A 213 -0.98 8.80 -10.35
CA TRP A 213 0.44 8.82 -10.69
C TRP A 213 1.21 7.77 -9.89
N SER A 214 0.99 7.74 -8.58
CA SER A 214 1.69 6.75 -7.74
C SER A 214 1.39 5.33 -8.20
N LEU A 215 0.17 5.08 -8.66
CA LEU A 215 -0.18 3.78 -9.21
C LEU A 215 0.65 3.45 -10.45
N GLY A 216 0.87 4.44 -11.32
CA GLY A 216 1.72 4.21 -12.48
C GLY A 216 3.14 3.84 -12.09
N ILE A 217 3.69 4.52 -11.08
CA ILE A 217 5.02 4.16 -10.60
C ILE A 217 4.99 2.74 -10.04
N THR A 218 3.93 2.43 -9.31
CA THR A 218 3.79 1.10 -8.72
C THR A 218 3.67 0.03 -9.79
N ALA A 219 3.02 0.35 -10.92
CA ALA A 219 2.98 -0.60 -12.03
C ALA A 219 4.39 -0.86 -12.57
N ILE A 220 5.22 0.18 -12.73
CA ILE A 220 6.60 -0.02 -13.13
C ILE A 220 7.31 -0.88 -12.11
N GLU A 221 7.08 -0.60 -10.82
CA GLU A 221 7.73 -1.33 -9.75
C GLU A 221 7.35 -2.81 -9.77
N LEU A 222 6.07 -3.12 -10.04
CA LEU A 222 5.65 -4.52 -10.10
C LEU A 222 6.23 -5.22 -11.32
N ALA A 223 6.51 -4.48 -12.39
CA ALA A 223 7.05 -5.08 -13.60
C ALA A 223 8.57 -5.23 -13.53
N ARG A 224 9.26 -4.23 -12.99
CA ARG A 224 10.72 -4.18 -13.01
C ARG A 224 11.37 -4.50 -11.67
N GLY A 225 10.63 -4.43 -10.57
CA GLY A 225 11.20 -4.68 -9.27
C GLY A 225 11.49 -3.43 -8.45
N GLU A 226 11.62 -2.28 -9.10
CA GLU A 226 11.95 -1.04 -8.40
C GLU A 226 11.35 0.12 -9.18
N PRO A 227 11.14 1.26 -8.53
CA PRO A 227 10.59 2.41 -9.24
C PRO A 227 11.64 3.09 -10.09
N PRO A 228 11.24 3.98 -10.99
CA PRO A 228 12.23 4.80 -11.71
C PRO A 228 13.13 5.58 -10.76
N HIS A 229 14.38 5.78 -11.18
CA HIS A 229 15.40 6.55 -10.47
C HIS A 229 15.86 5.87 -9.20
N SER A 230 15.61 4.57 -9.03
CA SER A 230 15.90 3.93 -7.75
C SER A 230 17.39 3.92 -7.41
N GLU A 231 18.25 4.13 -8.40
CA GLU A 231 19.69 4.14 -8.20
C GLU A 231 20.22 5.52 -7.80
N LEU A 232 19.36 6.53 -7.77
CA LEU A 232 19.79 7.90 -7.55
C LEU A 232 19.51 8.35 -6.12
N HIS A 233 20.28 9.34 -5.68
CA HIS A 233 20.06 9.90 -4.36
C HIS A 233 18.70 10.59 -4.31
N PRO A 234 17.96 10.44 -3.21
CA PRO A 234 16.60 11.02 -3.14
C PRO A 234 16.55 12.52 -3.35
N MET A 235 17.59 13.26 -2.97
CA MET A 235 17.57 14.70 -3.21
C MET A 235 17.64 14.99 -4.70
N LYS A 236 18.34 14.15 -5.47
CA LYS A 236 18.33 14.32 -6.92
C LYS A 236 16.97 13.99 -7.50
N VAL A 237 16.35 12.92 -7.02
CA VAL A 237 15.03 12.54 -7.51
C VAL A 237 14.03 13.66 -7.26
N LEU A 238 14.20 14.41 -6.16
CA LEU A 238 13.27 15.49 -5.83
C LEU A 238 13.21 16.54 -6.93
N PHE A 239 14.34 16.85 -7.58
CA PHE A 239 14.21 17.79 -8.68
C PHE A 239 13.97 17.10 -10.02
N LEU A 240 14.33 15.83 -10.17
CA LEU A 240 14.15 15.15 -11.46
C LEU A 240 12.67 14.93 -11.76
N ILE A 241 11.86 14.59 -10.77
CA ILE A 241 10.45 14.26 -11.05
C ILE A 241 9.72 15.46 -11.63
N PRO A 242 9.82 16.67 -11.07
CA PRO A 242 9.20 17.82 -11.76
C PRO A 242 9.91 18.20 -13.04
N LYS A 243 11.23 18.02 -13.12
CA LYS A 243 11.99 18.53 -14.26
C LYS A 243 11.79 17.68 -15.51
N ASN A 244 11.83 16.36 -15.37
CA ASN A 244 11.93 15.44 -16.49
C ASN A 244 10.57 15.12 -17.08
N ASN A 245 10.57 14.64 -18.32
CA ASN A 245 9.39 13.96 -18.85
C ASN A 245 9.04 12.80 -17.92
N PRO A 246 7.78 12.36 -17.93
CA PRO A 246 7.39 11.26 -17.05
C PRO A 246 8.14 10.00 -17.40
N PRO A 247 8.33 9.10 -16.43
CA PRO A 247 8.92 7.80 -16.73
C PRO A 247 8.04 6.98 -17.65
N THR A 248 8.67 6.09 -18.39
CA THR A 248 7.95 5.07 -19.14
C THR A 248 8.43 3.69 -18.69
N LEU A 249 7.63 2.68 -19.00
CA LEU A 249 8.01 1.30 -18.71
C LEU A 249 8.91 0.79 -19.83
N GLU A 250 10.17 0.52 -19.50
CA GLU A 250 11.17 0.08 -20.48
C GLU A 250 11.42 -1.42 -20.33
N GLY A 251 11.45 -2.12 -21.45
CA GLY A 251 11.68 -3.54 -21.45
C GLY A 251 10.68 -4.25 -22.32
N ASN A 252 10.74 -5.58 -22.32
CA ASN A 252 9.86 -6.39 -23.17
C ASN A 252 8.56 -6.66 -22.43
N TYR A 253 7.69 -5.64 -22.40
CA TYR A 253 6.37 -5.74 -21.79
C TYR A 253 5.32 -5.45 -22.85
N SER A 254 4.12 -5.98 -22.66
CA SER A 254 3.05 -5.81 -23.64
C SER A 254 2.74 -4.33 -23.84
N LYS A 255 2.29 -3.99 -25.05
CA LYS A 255 1.91 -2.60 -25.28
C LYS A 255 0.75 -2.15 -24.38
N PRO A 256 -0.25 -2.98 -24.08
CA PRO A 256 -1.27 -2.52 -23.12
C PRO A 256 -0.69 -2.17 -21.75
N LEU A 257 0.29 -2.92 -21.24
CA LEU A 257 0.86 -2.54 -19.97
C LEU A 257 1.64 -1.23 -20.07
N LYS A 258 2.42 -1.07 -21.13
CA LYS A 258 3.13 0.21 -21.30
C LYS A 258 2.14 1.36 -21.41
N GLU A 259 1.00 1.13 -22.06
CA GLU A 259 0.00 2.20 -22.21
C GLU A 259 -0.71 2.49 -20.89
N PHE A 260 -0.95 1.45 -20.08
CA PHE A 260 -1.49 1.67 -18.74
C PHE A 260 -0.56 2.58 -17.93
N VAL A 261 0.74 2.29 -17.97
CA VAL A 261 1.72 3.12 -17.27
C VAL A 261 1.71 4.55 -17.79
N GLU A 262 1.76 4.71 -19.13
CA GLU A 262 1.78 6.05 -19.72
C GLU A 262 0.53 6.84 -19.35
N ALA A 263 -0.62 6.17 -19.28
CA ALA A 263 -1.85 6.87 -18.95
C ALA A 263 -1.81 7.43 -17.53
N CYS A 264 -1.27 6.65 -16.59
CA CYS A 264 -1.13 7.13 -15.22
C CYS A 264 -0.08 8.22 -15.09
N LEU A 265 1.01 8.09 -15.83
CA LEU A 265 2.16 8.98 -15.67
C LEU A 265 2.13 10.09 -16.71
N ASN A 266 1.10 10.92 -16.61
CA ASN A 266 1.03 12.19 -17.32
C ASN A 266 1.35 13.30 -16.32
N LYS A 267 2.20 14.24 -16.72
CA LYS A 267 2.51 15.36 -15.83
C LYS A 267 1.28 16.18 -15.50
N GLU A 268 0.30 16.24 -16.40
CA GLU A 268 -0.92 17.00 -16.16
C GLU A 268 -1.93 16.14 -15.40
N PRO A 269 -2.27 16.47 -14.15
CA PRO A 269 -3.18 15.58 -13.39
C PRO A 269 -4.53 15.36 -14.08
N SER A 270 -5.07 16.38 -14.75
CA SER A 270 -6.39 16.24 -15.35
C SER A 270 -6.37 15.31 -16.56
N PHE A 271 -5.18 15.02 -17.10
CA PHE A 271 -5.04 14.07 -18.18
C PHE A 271 -4.90 12.63 -17.70
N ARG A 272 -4.74 12.42 -16.38
CA ARG A 272 -4.72 11.05 -15.90
C ARG A 272 -6.16 10.54 -15.77
N PRO A 273 -6.39 9.26 -16.06
CA PRO A 273 -7.75 8.72 -15.89
C PRO A 273 -8.07 8.52 -14.42
N THR A 274 -9.36 8.34 -14.15
CA THR A 274 -9.81 8.00 -12.81
C THR A 274 -9.60 6.51 -12.54
N ALA A 275 -9.67 6.15 -11.25
CA ALA A 275 -9.57 4.74 -10.90
C ALA A 275 -10.70 3.93 -11.55
N LYS A 276 -11.93 4.47 -11.54
CA LYS A 276 -13.04 3.83 -12.23
C LYS A 276 -12.73 3.55 -13.69
N GLU A 277 -12.15 4.53 -14.38
CA GLU A 277 -11.84 4.34 -15.80
C GLU A 277 -10.77 3.28 -16.00
N LEU A 278 -9.76 3.26 -15.13
CA LEU A 278 -8.66 2.33 -15.30
C LEU A 278 -9.07 0.88 -15.00
N LEU A 279 -10.14 0.68 -14.23
CA LEU A 279 -10.66 -0.67 -14.04
C LEU A 279 -11.16 -1.26 -15.35
N LYS A 280 -11.43 -0.43 -16.35
CA LYS A 280 -11.86 -0.89 -17.67
C LYS A 280 -10.75 -0.81 -18.70
N HIS A 281 -9.52 -0.53 -18.28
CA HIS A 281 -8.40 -0.44 -19.22
C HIS A 281 -8.14 -1.80 -19.85
N LYS A 282 -7.80 -1.80 -21.15
CA LYS A 282 -7.58 -3.08 -21.83
C LYS A 282 -6.49 -3.91 -21.16
N PHE A 283 -5.50 -3.29 -20.53
CA PHE A 283 -4.49 -4.14 -19.86
C PHE A 283 -5.14 -4.94 -18.75
N ILE A 284 -5.98 -4.29 -17.95
CA ILE A 284 -6.66 -4.96 -16.85
C ILE A 284 -7.61 -6.03 -17.37
N LEU A 285 -8.48 -5.66 -18.32
CA LEU A 285 -9.50 -6.60 -18.78
C LEU A 285 -8.90 -7.81 -19.48
N ARG A 286 -7.80 -7.62 -20.21
CA ARG A 286 -7.24 -8.73 -20.99
C ARG A 286 -6.36 -9.65 -20.14
N ASN A 287 -5.89 -9.20 -18.99
CA ASN A 287 -4.85 -9.93 -18.28
C ASN A 287 -5.18 -10.32 -16.85
N ALA A 288 -6.00 -9.53 -16.14
CA ALA A 288 -6.29 -9.84 -14.75
C ALA A 288 -7.12 -11.12 -14.64
N LYS A 289 -6.84 -11.90 -13.59
CA LYS A 289 -7.61 -13.12 -13.33
C LYS A 289 -8.02 -13.15 -11.87
N LYS A 290 -8.60 -14.27 -11.41
CA LYS A 290 -9.07 -14.38 -10.04
C LYS A 290 -7.94 -14.14 -9.04
N THR A 291 -8.26 -13.44 -7.94
CA THR A 291 -7.22 -13.14 -6.94
C THR A 291 -6.69 -14.39 -6.26
N SER A 292 -7.52 -15.44 -6.19
CA SER A 292 -7.08 -16.66 -5.52
C SER A 292 -5.84 -17.24 -6.17
N TYR A 293 -5.62 -16.94 -7.46
CA TYR A 293 -4.42 -17.45 -8.12
C TYR A 293 -3.15 -16.87 -7.53
N LEU A 294 -3.25 -15.75 -6.82
CA LEU A 294 -2.10 -15.13 -6.20
C LEU A 294 -1.54 -15.95 -5.05
N THR A 295 -2.27 -16.95 -4.56
CA THR A 295 -1.68 -17.85 -3.56
C THR A 295 -0.47 -18.56 -4.12
N GLU A 296 -0.44 -18.80 -5.43
CA GLU A 296 0.75 -19.41 -6.03
C GLU A 296 1.97 -18.53 -5.83
N LEU A 297 1.77 -17.22 -5.92
CA LEU A 297 2.84 -16.26 -5.67
C LEU A 297 3.26 -16.27 -4.20
N ILE A 298 2.29 -16.32 -3.29
CA ILE A 298 2.61 -16.39 -1.87
C ILE A 298 3.37 -17.67 -1.56
N ASP A 299 2.95 -18.80 -2.14
CA ASP A 299 3.67 -20.06 -1.90
C ASP A 299 5.09 -20.00 -2.45
N ALA A 300 5.29 -19.34 -3.60
CA ALA A 300 6.63 -19.23 -4.17
C ALA A 300 7.55 -18.44 -3.25
N HIS A 301 7.01 -17.44 -2.56
CA HIS A 301 7.80 -16.66 -1.61
C HIS A 301 8.20 -17.51 -0.41
N HIS A 302 7.30 -18.40 0.05
CA HIS A 302 7.62 -19.28 1.17
C HIS A 302 8.68 -20.30 0.79
N HIS A 303 8.73 -20.70 -0.49
CA HIS A 303 9.70 -21.69 -0.94
C HIS A 303 11.06 -21.10 -1.25
N HIS A 304 11.15 -19.80 -1.51
CA HIS A 304 12.42 -19.15 -1.84
C HIS A 304 13.33 -19.09 -0.62
C2 SQQ B . 0.85 -7.51 7.86
C4 SQQ B . 1.08 -5.40 8.66
C5 SQQ B . -0.30 -5.33 8.94
C6 SQQ B . -1.02 -6.49 8.64
CAG SQQ B . 3.10 -12.30 7.66
CAH SQQ B . 3.36 -10.02 7.00
CAI SQQ B . 4.63 -10.26 6.52
CAJ SQQ B . 5.33 -9.22 5.91
CAK SQQ B . 4.75 -7.97 5.78
CAL SQQ B . 3.48 -7.73 6.26
CAM SQQ B . 2.76 -8.76 6.87
CAQ SQQ B . -0.81 -4.13 9.51
CAR SQQ B . 0.00 -3.08 9.82
CAS SQQ B . 1.42 -3.18 9.58
CAT SQQ B . 3.32 -4.37 8.66
CAU SQQ B . 3.67 -3.36 7.59
CAV SQQ B . 3.23 -2.66 5.40
CAW SQQ B . 4.69 -2.31 5.19
CAX SQQ B . 5.41 -2.23 6.52
CAZ SQQ B . -0.53 -1.81 10.37
CBA SQQ B . -0.62 -0.69 9.53
CBB SQQ B . -0.93 0.55 10.04
CBC SQQ B . -1.17 0.74 11.40
CBD SQQ B . -1.09 -0.37 12.24
CBE SQQ B . -0.79 -1.62 11.73
CBF SQQ B . -1.51 2.08 11.93
CBG SQQ B . -2.81 2.49 12.13
CBH SQQ B . -3.05 3.77 12.59
CBI SQQ B . -1.98 4.60 12.85
CBJ SQQ B . -0.69 4.13 12.64
CBK SQQ B . 0.51 4.97 12.96
N1 SQQ B . -0.46 -7.58 8.11
N3 SQQ B . 1.66 -6.47 8.13
NAA SQQ B . 1.42 -8.59 7.26
NAC SQQ B . 1.89 -4.33 8.97
NAD SQQ B . 4.83 -1.03 4.48
NAF SQQ B . -0.46 2.89 12.18
OBL SQQ B . 2.59 -10.97 7.61
OBM SQQ B . 2.22 -2.30 9.89
OBN SQQ B . 3.08 -3.71 6.36
OBO SQQ B . 5.06 -3.31 7.40
CL1 SQQ B . -0.83 -2.97 12.82
#